data_7U0A
#
_entry.id   7U0A
#
_cell.length_a   45.227
_cell.length_b   64.056
_cell.length_c   78.813
_cell.angle_alpha   90.000
_cell.angle_beta   93.330
_cell.angle_gamma   90.000
#
_symmetry.space_group_name_H-M   'P 1 21 1'
#
loop_
_entity.id
_entity.type
_entity.pdbx_description
1 polymer 'SARS-CoV-2 S fusion peptide'
2 polymer 'Heavy chain Fab C77G12'
3 polymer 'Light chain Fab C77G12'
4 non-polymer 'CHLORIDE ION'
5 water water
#
loop_
_entity_poly.entity_id
_entity_poly.type
_entity_poly.pdbx_seq_one_letter_code
_entity_poly.pdbx_strand_id
1 'polypeptide(L)' PSKRSFIEDLLFNK A
2 'polypeptide(L)'
;EVQLVESGGGVVQPGRSLRISCAVSGFTFGSYAMHWVRQAPGKGLEWVGVMSSDGHNEYYADSVKGRFTISRDNSRNKLY
LEMNNLRVDDTAVFYCARGSDYVDDSPPLHYWGQGTLVTVSSASTKGPSVFPLAPSSKSTSGGTAALGCLVKDYFPEPVT
VSWNSGALTSGVHTFPAVLQSSGLYSLSSVVTVPSSSLGTQTYICNVNHKPSNTKVDKRVEPKSC
;
H
3 'polypeptide(L)'
;DIQLTQSPSSLSASIGDRVTITCRASQDIANKLAWFQQAPGKAPKSLIYAASRLQSGVPSQFSGSGSGTDFTLTIESLQA
GDFATYFCQQYDSFPFTFGPGTKVDVKRTVAAPSVFIFPPSDEQLKSGTASVVCLLNNFYPREAKVQWKVDNALQSGNSQ
ESVTEQDSKDSTYSLSSTLTLSKADYEKHKVYACEVTHQGLSSPVTKSFNRGEC
;
L
#
# COMPACT_ATOMS: atom_id res chain seq x y z
N PRO A 1 -8.09 -12.81 -37.85
CA PRO A 1 -8.27 -12.07 -36.59
C PRO A 1 -9.50 -12.53 -35.82
N SER A 2 -9.52 -13.81 -35.41
CA SER A 2 -10.73 -14.38 -34.83
C SER A 2 -10.97 -13.83 -33.43
N LYS A 3 -12.23 -13.50 -33.15
CA LYS A 3 -12.64 -13.01 -31.85
C LYS A 3 -12.59 -14.12 -30.81
N ARG A 4 -11.79 -13.94 -29.77
CA ARG A 4 -11.69 -14.93 -28.70
C ARG A 4 -12.40 -14.53 -27.41
N SER A 5 -12.69 -13.25 -27.18
CA SER A 5 -13.27 -12.83 -25.90
C SER A 5 -14.80 -12.93 -25.98
N PHE A 6 -15.27 -14.17 -26.01
CA PHE A 6 -16.70 -14.42 -26.16
C PHE A 6 -17.51 -13.81 -25.02
N ILE A 7 -17.01 -13.90 -23.78
CA ILE A 7 -17.74 -13.39 -22.64
C ILE A 7 -18.06 -11.92 -22.82
N GLU A 8 -17.03 -11.13 -23.12
CA GLU A 8 -17.20 -9.69 -23.30
C GLU A 8 -18.07 -9.38 -24.51
N ASP A 9 -17.85 -10.10 -25.62
CA ASP A 9 -18.62 -9.81 -26.82
C ASP A 9 -20.11 -10.08 -26.60
N LEU A 10 -20.43 -11.15 -25.88
CA LEU A 10 -21.83 -11.43 -25.57
C LEU A 10 -22.44 -10.29 -24.75
N LEU A 11 -21.69 -9.75 -23.79
CA LEU A 11 -22.23 -8.67 -22.98
C LEU A 11 -22.40 -7.40 -23.80
N PHE A 12 -21.55 -7.22 -24.81
CA PHE A 12 -21.70 -6.05 -25.67
C PHE A 12 -22.86 -6.20 -26.65
N ASN A 13 -23.49 -7.38 -26.74
CA ASN A 13 -24.66 -7.55 -27.62
C ASN A 13 -26.00 -7.64 -26.90
N GLU B 1 4.83 -17.35 -24.19
CA GLU B 1 4.32 -16.93 -22.90
C GLU B 1 3.62 -15.59 -23.04
N VAL B 2 2.44 -15.47 -22.42
CA VAL B 2 1.72 -14.20 -22.46
C VAL B 2 2.49 -13.17 -21.66
N GLN B 3 2.68 -11.98 -22.24
CA GLN B 3 3.32 -10.88 -21.57
C GLN B 3 2.55 -9.60 -21.90
N LEU B 4 2.32 -8.78 -20.88
CA LEU B 4 1.77 -7.43 -21.05
C LEU B 4 2.66 -6.46 -20.30
N VAL B 5 2.95 -5.31 -20.92
CA VAL B 5 3.89 -4.34 -20.34
C VAL B 5 3.28 -2.95 -20.47
N GLU B 6 2.95 -2.35 -19.34
CA GLU B 6 2.47 -0.98 -19.31
C GLU B 6 3.63 0.02 -19.37
N SER B 7 3.37 1.16 -19.98
CA SER B 7 4.35 2.24 -19.97
CA SER B 7 4.34 2.24 -20.07
C SER B 7 3.64 3.58 -19.91
N GLY B 8 4.41 4.62 -19.63
CA GLY B 8 3.91 5.99 -19.67
C GLY B 8 3.57 6.61 -18.33
N GLY B 9 3.64 5.87 -17.25
CA GLY B 9 3.39 6.46 -15.95
C GLY B 9 4.50 7.40 -15.53
N GLY B 10 4.18 8.24 -14.56
CA GLY B 10 5.12 9.21 -14.03
C GLY B 10 4.37 10.32 -13.34
N VAL B 11 5.12 11.37 -13.01
CA VAL B 11 4.57 12.51 -12.30
C VAL B 11 3.93 13.45 -13.32
N VAL B 12 2.71 13.87 -13.04
CA VAL B 12 2.00 14.78 -13.94
C VAL B 12 1.19 15.79 -13.13
N GLN B 13 1.10 17.02 -13.63
CA GLN B 13 0.41 18.07 -12.89
CA GLN B 13 0.41 18.08 -12.92
C GLN B 13 -1.11 17.85 -12.95
N PRO B 14 -1.82 18.15 -11.87
CA PRO B 14 -3.28 18.09 -11.91
C PRO B 14 -3.83 18.96 -13.03
N GLY B 15 -4.97 18.50 -13.58
CA GLY B 15 -5.62 19.15 -14.69
C GLY B 15 -5.13 18.70 -16.05
N ARG B 16 -3.90 18.19 -16.14
CA ARG B 16 -3.41 17.71 -17.42
C ARG B 16 -4.08 16.39 -17.79
N SER B 17 -3.86 15.98 -19.03
CA SER B 17 -4.23 14.64 -19.47
C SER B 17 -2.96 13.82 -19.61
N LEU B 18 -3.10 12.51 -19.46
CA LEU B 18 -1.95 11.63 -19.57
C LEU B 18 -2.42 10.40 -20.31
N ARG B 19 -1.65 9.96 -21.29
CA ARG B 19 -1.92 8.73 -22.02
CA ARG B 19 -1.92 8.73 -22.02
C ARG B 19 -0.89 7.70 -21.60
N ILE B 20 -1.36 6.59 -21.05
CA ILE B 20 -0.50 5.44 -20.77
C ILE B 20 -0.81 4.37 -21.81
N SER B 21 0.11 3.41 -21.93
CA SER B 21 0.04 2.42 -22.99
CA SER B 21 0.10 2.43 -23.01
C SER B 21 0.35 1.04 -22.45
N CYS B 22 -0.03 0.04 -23.24
CA CYS B 22 0.17 -1.37 -22.91
CA CYS B 22 0.22 -1.36 -22.90
C CYS B 22 0.62 -2.07 -24.18
N ALA B 23 1.79 -2.72 -24.16
CA ALA B 23 2.31 -3.49 -25.28
C ALA B 23 2.25 -4.95 -24.88
N VAL B 24 2.01 -5.84 -25.85
CA VAL B 24 1.79 -7.25 -25.55
CA VAL B 24 1.79 -7.25 -25.55
C VAL B 24 2.67 -8.13 -26.42
N SER B 25 2.85 -9.37 -25.96
CA SER B 25 3.55 -10.40 -26.73
C SER B 25 3.00 -11.75 -26.30
N GLY B 26 3.11 -12.73 -27.18
CA GLY B 26 2.73 -14.09 -26.84
C GLY B 26 1.31 -14.44 -27.16
N PHE B 27 0.59 -13.55 -27.81
CA PHE B 27 -0.76 -13.82 -28.28
C PHE B 27 -1.09 -12.78 -29.34
N THR B 28 -2.17 -13.02 -30.06
CA THR B 28 -2.64 -12.13 -31.12
C THR B 28 -3.51 -11.06 -30.49
N PHE B 29 -2.96 -9.85 -30.37
CA PHE B 29 -3.63 -8.75 -29.67
C PHE B 29 -5.04 -8.50 -30.22
N GLY B 30 -5.18 -8.50 -31.54
CA GLY B 30 -6.44 -8.18 -32.16
C GLY B 30 -7.55 -9.16 -31.89
N SER B 31 -7.25 -10.31 -31.27
CA SER B 31 -8.28 -11.30 -30.98
C SER B 31 -9.00 -11.04 -29.66
N TYR B 32 -8.50 -10.15 -28.82
CA TYR B 32 -8.94 -10.07 -27.43
C TYR B 32 -9.55 -8.72 -27.05
N ALA B 33 -10.64 -8.79 -26.28
CA ALA B 33 -11.02 -7.63 -25.48
C ALA B 33 -9.88 -7.30 -24.53
N MET B 34 -9.78 -6.05 -24.13
CA MET B 34 -8.67 -5.62 -23.28
C MET B 34 -9.19 -4.71 -22.19
N HIS B 35 -8.65 -4.87 -20.98
CA HIS B 35 -9.15 -4.19 -19.80
C HIS B 35 -8.06 -3.35 -19.14
N TRP B 36 -8.50 -2.35 -18.38
CA TRP B 36 -7.64 -1.60 -17.46
C TRP B 36 -8.19 -1.70 -16.05
N VAL B 37 -7.27 -1.81 -15.08
CA VAL B 37 -7.61 -1.85 -13.67
C VAL B 37 -6.72 -0.85 -12.96
N ARG B 38 -7.23 -0.19 -11.92
CA ARG B 38 -6.36 0.71 -11.18
C ARG B 38 -6.32 0.32 -9.71
N GLN B 39 -5.27 0.78 -9.02
CA GLN B 39 -5.16 0.53 -7.59
C GLN B 39 -4.46 1.74 -6.98
N ALA B 40 -5.22 2.54 -6.25
CA ALA B 40 -4.66 3.67 -5.51
C ALA B 40 -3.80 3.15 -4.34
N PRO B 41 -2.83 3.95 -3.88
CA PRO B 41 -1.92 3.46 -2.83
C PRO B 41 -2.66 3.01 -1.60
N GLY B 42 -2.41 1.76 -1.19
CA GLY B 42 -3.03 1.23 0.00
C GLY B 42 -4.51 0.88 -0.14
N LYS B 43 -5.05 0.93 -1.34
CA LYS B 43 -6.47 0.69 -1.60
C LYS B 43 -6.63 -0.60 -2.39
N GLY B 44 -7.90 -0.94 -2.67
CA GLY B 44 -8.21 -2.17 -3.39
C GLY B 44 -8.13 -2.02 -4.91
N LEU B 45 -8.28 -3.17 -5.58
CA LEU B 45 -8.37 -3.21 -7.04
C LEU B 45 -9.68 -2.61 -7.52
N GLU B 46 -9.62 -1.82 -8.59
CA GLU B 46 -10.80 -1.13 -9.14
C GLU B 46 -10.80 -1.25 -10.66
N TRP B 47 -11.84 -1.86 -11.19
CA TRP B 47 -11.93 -1.98 -12.63
C TRP B 47 -12.14 -0.60 -13.23
N VAL B 48 -11.43 -0.32 -14.33
CA VAL B 48 -11.60 0.96 -15.05
C VAL B 48 -12.51 0.80 -16.24
N GLY B 49 -12.19 -0.14 -17.12
CA GLY B 49 -13.04 -0.37 -18.28
C GLY B 49 -12.44 -1.40 -19.21
N VAL B 50 -13.15 -1.58 -20.33
CA VAL B 50 -12.80 -2.58 -21.32
C VAL B 50 -13.08 -2.01 -22.71
N MET B 51 -12.30 -2.47 -23.70
CA MET B 51 -12.62 -2.24 -25.11
C MET B 51 -12.63 -3.59 -25.84
N SER B 52 -13.62 -3.77 -26.71
CA SER B 52 -13.76 -5.00 -27.49
C SER B 52 -12.58 -5.19 -28.44
N SER B 53 -12.41 -6.44 -28.89
CA SER B 53 -11.25 -6.79 -29.71
C SER B 53 -11.18 -5.97 -30.99
N ASP B 54 -12.32 -5.57 -31.58
CA ASP B 54 -12.27 -4.82 -32.82
C ASP B 54 -12.31 -3.32 -32.59
N GLY B 55 -12.38 -2.88 -31.33
CA GLY B 55 -12.44 -1.47 -31.02
C GLY B 55 -13.83 -0.85 -31.12
N HIS B 56 -14.85 -1.62 -31.54
CA HIS B 56 -16.17 -1.02 -31.81
C HIS B 56 -16.91 -0.65 -30.52
N ASN B 57 -16.61 -1.34 -29.43
CA ASN B 57 -17.39 -1.23 -28.20
C ASN B 57 -16.48 -0.99 -27.01
N GLU B 58 -17.00 -0.23 -26.04
CA GLU B 58 -16.28 0.03 -24.80
C GLU B 58 -17.27 0.09 -23.65
N TYR B 59 -16.77 -0.21 -22.44
CA TYR B 59 -17.59 -0.08 -21.24
C TYR B 59 -16.71 0.39 -20.09
N TYR B 60 -17.24 1.25 -19.23
CA TYR B 60 -16.46 1.84 -18.15
C TYR B 60 -17.14 1.63 -16.79
N ALA B 61 -16.30 1.66 -15.74
CA ALA B 61 -16.81 1.74 -14.37
C ALA B 61 -17.75 2.93 -14.22
N ASP B 62 -18.73 2.78 -13.32
CA ASP B 62 -19.74 3.82 -13.11
C ASP B 62 -19.08 5.15 -12.79
N SER B 63 -17.94 5.13 -12.11
CA SER B 63 -17.30 6.36 -11.65
C SER B 63 -16.55 7.12 -12.75
N VAL B 64 -16.30 6.51 -13.91
CA VAL B 64 -15.44 7.17 -14.91
C VAL B 64 -16.15 8.40 -15.49
N LYS B 65 -17.41 8.24 -15.86
CA LYS B 65 -18.24 9.35 -16.34
C LYS B 65 -17.55 10.12 -17.46
N GLY B 66 -17.01 9.38 -18.42
CA GLY B 66 -16.48 9.98 -19.63
C GLY B 66 -15.11 10.59 -19.48
N ARG B 67 -14.52 10.54 -18.29
CA ARG B 67 -13.28 11.27 -18.06
C ARG B 67 -12.04 10.51 -18.52
N PHE B 68 -12.11 9.18 -18.63
CA PHE B 68 -11.03 8.35 -19.14
C PHE B 68 -11.49 7.71 -20.44
N THR B 69 -10.59 7.54 -21.41
CA THR B 69 -10.94 6.91 -22.67
C THR B 69 -9.96 5.80 -23.02
N ILE B 70 -10.49 4.63 -23.33
CA ILE B 70 -9.66 3.52 -23.81
C ILE B 70 -9.60 3.56 -25.33
N SER B 71 -8.44 3.28 -25.89
CA SER B 71 -8.29 3.14 -27.33
CA SER B 71 -8.26 3.16 -27.33
C SER B 71 -7.33 1.99 -27.60
N ARG B 72 -7.28 1.56 -28.86
CA ARG B 72 -6.35 0.50 -29.21
C ARG B 72 -5.94 0.66 -30.67
N ASP B 73 -4.80 0.04 -30.99
CA ASP B 73 -4.24 0.08 -32.34
C ASP B 73 -3.90 -1.37 -32.70
N ASN B 74 -4.76 -2.00 -33.50
CA ASN B 74 -4.55 -3.39 -33.88
C ASN B 74 -3.55 -3.56 -35.01
N SER B 75 -2.85 -2.49 -35.42
CA SER B 75 -1.67 -2.61 -36.29
C SER B 75 -0.36 -2.61 -35.52
N ARG B 76 -0.21 -1.75 -34.51
CA ARG B 76 0.99 -1.78 -33.67
C ARG B 76 0.79 -2.62 -32.42
N ASN B 77 -0.43 -3.11 -32.22
CA ASN B 77 -0.78 -3.99 -31.11
C ASN B 77 -0.49 -3.32 -29.77
N LYS B 78 -1.06 -2.14 -29.60
CA LYS B 78 -0.94 -1.36 -28.39
C LYS B 78 -2.34 -1.02 -27.88
N LEU B 79 -2.49 -1.04 -26.57
CA LEU B 79 -3.65 -0.56 -25.84
C LEU B 79 -3.31 0.75 -25.16
N TYR B 80 -4.27 1.69 -25.12
CA TYR B 80 -4.05 2.97 -24.46
C TYR B 80 -5.15 3.25 -23.45
N LEU B 81 -4.79 4.05 -22.46
CA LEU B 81 -5.75 4.68 -21.55
C LEU B 81 -5.41 6.15 -21.47
N GLU B 82 -6.36 6.99 -21.84
CA GLU B 82 -6.16 8.44 -21.75
C GLU B 82 -6.95 8.95 -20.56
N MET B 83 -6.26 9.57 -19.61
CA MET B 83 -6.87 10.04 -18.38
C MET B 83 -6.87 11.57 -18.42
N ASN B 84 -8.06 12.17 -18.38
CA ASN B 84 -8.18 13.61 -18.53
C ASN B 84 -8.46 14.28 -17.19
N ASN B 85 -8.21 15.59 -17.13
CA ASN B 85 -8.60 16.41 -15.98
C ASN B 85 -8.12 15.79 -14.67
N LEU B 86 -6.83 15.43 -14.63
CA LEU B 86 -6.33 14.64 -13.52
C LEU B 86 -6.44 15.40 -12.20
N ARG B 87 -6.73 14.67 -11.13
CA ARG B 87 -6.74 15.26 -9.79
C ARG B 87 -5.83 14.42 -8.89
N VAL B 88 -5.51 14.98 -7.73
CA VAL B 88 -4.47 14.35 -6.92
CA VAL B 88 -4.49 14.37 -6.87
C VAL B 88 -4.87 12.93 -6.50
N ASP B 89 -6.15 12.68 -6.24
CA ASP B 89 -6.46 11.31 -5.83
C ASP B 89 -6.61 10.33 -7.03
N ASP B 90 -6.29 10.75 -8.26
CA ASP B 90 -6.10 9.82 -9.36
C ASP B 90 -4.82 9.03 -9.25
N THR B 91 -3.90 9.42 -8.36
CA THR B 91 -2.64 8.73 -8.19
C THR B 91 -2.90 7.25 -7.93
N ALA B 92 -2.37 6.41 -8.81
CA ALA B 92 -2.64 4.98 -8.69
C ALA B 92 -1.72 4.20 -9.62
N VAL B 93 -1.58 2.91 -9.33
CA VAL B 93 -0.97 2.01 -10.31
C VAL B 93 -2.05 1.58 -11.29
N PHE B 94 -1.75 1.61 -12.58
CA PHE B 94 -2.69 1.17 -13.60
C PHE B 94 -2.19 -0.11 -14.24
N TYR B 95 -3.05 -1.13 -14.29
CA TYR B 95 -2.72 -2.41 -14.86
C TYR B 95 -3.52 -2.65 -16.12
N CYS B 96 -2.85 -3.13 -17.15
CA CYS B 96 -3.47 -3.70 -18.34
CA CYS B 96 -3.61 -3.67 -18.27
C CYS B 96 -3.76 -5.18 -18.09
N ALA B 97 -4.87 -5.68 -18.59
CA ALA B 97 -5.16 -7.10 -18.43
C ALA B 97 -5.92 -7.58 -19.65
N ARG B 98 -5.66 -8.82 -20.06
CA ARG B 98 -6.28 -9.33 -21.27
C ARG B 98 -7.71 -9.77 -21.00
N GLY B 99 -8.56 -9.65 -22.01
CA GLY B 99 -9.89 -10.22 -21.94
C GLY B 99 -9.84 -11.74 -22.04
N SER B 100 -11.05 -12.32 -22.01
CA SER B 100 -11.21 -13.77 -21.96
C SER B 100 -10.78 -14.46 -23.26
N ASP B 101 -10.65 -15.80 -23.17
CA ASP B 101 -10.42 -16.65 -24.33
C ASP B 101 -11.35 -17.85 -24.23
N TYR B 102 -12.33 -17.94 -25.13
CA TYR B 102 -13.28 -19.05 -25.04
C TYR B 102 -12.65 -20.38 -25.45
N VAL B 103 -11.62 -20.36 -26.28
CA VAL B 103 -11.02 -21.60 -26.78
C VAL B 103 -10.28 -22.31 -25.65
N ASP B 104 -9.54 -21.54 -24.85
CA ASP B 104 -8.73 -22.05 -23.76
C ASP B 104 -9.45 -22.01 -22.41
N ASP B 105 -10.72 -21.61 -22.41
CA ASP B 105 -11.50 -21.42 -21.19
C ASP B 105 -10.76 -20.50 -20.21
N SER B 106 -10.22 -19.43 -20.74
CA SER B 106 -9.53 -18.48 -19.90
C SER B 106 -10.45 -17.32 -19.58
N PRO B 107 -10.57 -16.92 -18.32
CA PRO B 107 -11.54 -15.88 -17.95
C PRO B 107 -11.02 -14.50 -18.31
N PRO B 108 -11.88 -13.48 -18.27
CA PRO B 108 -11.35 -12.11 -18.33
C PRO B 108 -10.41 -11.92 -17.15
N LEU B 109 -9.34 -11.16 -17.38
CA LEU B 109 -8.43 -10.77 -16.32
C LEU B 109 -7.61 -11.95 -15.81
N HIS B 110 -7.34 -12.92 -16.67
CA HIS B 110 -6.40 -13.98 -16.32
C HIS B 110 -4.97 -13.44 -16.32
N TYR B 111 -4.61 -12.71 -17.37
CA TYR B 111 -3.23 -12.26 -17.57
C TYR B 111 -3.15 -10.75 -17.38
N TRP B 112 -2.21 -10.32 -16.54
CA TRP B 112 -2.04 -8.92 -16.16
C TRP B 112 -0.63 -8.44 -16.48
N GLY B 113 -0.48 -7.13 -16.73
CA GLY B 113 0.84 -6.55 -16.73
C GLY B 113 1.33 -6.29 -15.32
N GLN B 114 2.54 -5.74 -15.22
CA GLN B 114 3.15 -5.41 -13.94
C GLN B 114 2.65 -4.10 -13.36
N GLY B 115 2.00 -3.27 -14.16
CA GLY B 115 1.46 -2.00 -13.71
C GLY B 115 2.38 -0.83 -14.03
N THR B 116 1.78 0.34 -14.19
CA THR B 116 2.55 1.58 -14.28
C THR B 116 1.94 2.61 -13.33
N LEU B 117 2.80 3.32 -12.60
CA LEU B 117 2.37 4.23 -11.55
C LEU B 117 2.18 5.63 -12.12
N VAL B 118 1.00 6.19 -11.93
CA VAL B 118 0.68 7.56 -12.30
C VAL B 118 0.60 8.38 -11.01
N THR B 119 1.40 9.43 -10.91
CA THR B 119 1.46 10.25 -9.69
C THR B 119 1.01 11.66 -10.07
N VAL B 120 -0.13 12.10 -9.54
CA VAL B 120 -0.70 13.41 -9.89
C VAL B 120 -0.32 14.37 -8.77
N SER B 121 0.47 15.39 -9.10
CA SER B 121 0.99 16.27 -8.09
C SER B 121 1.42 17.59 -8.73
N SER B 122 1.24 18.68 -7.98
CA SER B 122 1.73 20.00 -8.31
C SER B 122 3.12 20.26 -7.75
N ALA B 123 3.66 19.33 -6.95
CA ALA B 123 4.92 19.53 -6.27
C ALA B 123 6.08 19.49 -7.25
N SER B 124 7.21 20.09 -6.85
CA SER B 124 8.44 20.08 -7.61
CA SER B 124 8.44 20.06 -7.62
C SER B 124 9.47 19.16 -6.94
N THR B 125 10.41 18.67 -7.75
CA THR B 125 11.43 17.77 -7.21
C THR B 125 12.27 18.50 -6.16
N LYS B 126 12.31 17.92 -4.96
CA LYS B 126 12.98 18.51 -3.80
C LYS B 126 13.62 17.40 -3.00
N GLY B 127 14.88 17.59 -2.61
CA GLY B 127 15.53 16.66 -1.73
C GLY B 127 15.12 16.87 -0.28
N PRO B 128 15.15 15.81 0.52
CA PRO B 128 14.67 15.93 1.91
C PRO B 128 15.63 16.68 2.81
N SER B 129 15.08 17.24 3.87
CA SER B 129 15.83 17.56 5.08
C SER B 129 15.83 16.32 5.96
N VAL B 130 16.94 16.07 6.66
CA VAL B 130 17.06 14.87 7.48
C VAL B 130 17.30 15.32 8.92
N PHE B 131 16.37 15.02 9.79
CA PHE B 131 16.43 15.48 11.17
C PHE B 131 16.63 14.29 12.10
N PRO B 132 17.43 14.44 13.15
CA PRO B 132 17.61 13.30 14.07
C PRO B 132 16.38 13.08 14.92
N LEU B 133 16.10 11.80 15.21
CA LEU B 133 15.19 11.37 16.27
C LEU B 133 16.10 10.91 17.39
N ALA B 134 16.36 11.82 18.34
CA ALA B 134 17.44 11.57 19.28
C ALA B 134 17.01 10.60 20.38
N PRO B 135 17.89 9.66 20.76
CA PRO B 135 17.57 8.82 21.92
C PRO B 135 17.69 9.61 23.21
N SER B 136 16.77 9.32 24.12
CA SER B 136 16.72 9.95 25.44
C SER B 136 16.06 8.98 26.38
N SER B 137 15.80 9.42 27.61
CA SER B 137 15.05 8.58 28.53
C SER B 137 13.64 8.33 28.03
N LYS B 138 13.14 9.16 27.12
CA LYS B 138 11.81 9.02 26.54
C LYS B 138 11.75 7.96 25.45
N SER B 139 12.89 7.36 25.08
CA SER B 139 12.94 6.36 24.03
C SER B 139 13.72 5.13 24.50
N THR B 140 13.76 4.90 25.80
CA THR B 140 14.44 3.74 26.36
C THR B 140 13.43 2.80 27.00
N SER B 141 13.72 1.50 26.90
CA SER B 141 12.92 0.48 27.55
C SER B 141 13.89 -0.62 28.00
N GLY B 142 13.88 -0.92 29.29
CA GLY B 142 14.86 -1.84 29.82
C GLY B 142 16.25 -1.31 29.51
N GLY B 143 17.02 -2.10 28.78
CA GLY B 143 18.36 -1.66 28.43
C GLY B 143 18.52 -1.31 26.97
N THR B 144 17.41 -1.01 26.28
CA THR B 144 17.44 -0.68 24.86
CA THR B 144 17.45 -0.68 24.86
C THR B 144 16.97 0.76 24.64
N ALA B 145 17.59 1.42 23.68
CA ALA B 145 17.22 2.78 23.29
C ALA B 145 16.80 2.77 21.83
N ALA B 146 15.74 3.52 21.53
CA ALA B 146 15.34 3.73 20.15
C ALA B 146 15.85 5.09 19.69
N LEU B 147 16.34 5.15 18.46
CA LEU B 147 16.77 6.40 17.82
C LEU B 147 16.39 6.34 16.34
N GLY B 148 16.47 7.45 15.64
CA GLY B 148 16.11 7.36 14.23
C GLY B 148 16.39 8.65 13.49
N CYS B 149 15.84 8.74 12.29
CA CYS B 149 15.86 10.02 11.62
CA CYS B 149 15.92 9.94 11.47
C CYS B 149 14.55 10.22 10.87
N LEU B 150 14.21 11.49 10.75
CA LEU B 150 12.99 11.95 10.09
C LEU B 150 13.41 12.57 8.77
N VAL B 151 12.95 11.97 7.68
CA VAL B 151 13.35 12.34 6.33
C VAL B 151 12.18 13.11 5.75
N LYS B 152 12.29 14.45 5.78
CA LYS B 152 11.10 15.30 5.65
C LYS B 152 11.16 16.19 4.42
N ASP B 153 9.99 16.34 3.77
CA ASP B 153 9.73 17.35 2.74
C ASP B 153 10.47 17.07 1.44
N TYR B 154 10.30 15.85 0.92
CA TYR B 154 10.91 15.49 -0.36
C TYR B 154 9.81 15.14 -1.36
N PHE B 155 10.20 15.19 -2.64
CA PHE B 155 9.29 14.81 -3.71
C PHE B 155 10.12 14.53 -4.95
N PRO B 156 9.77 13.50 -5.75
CA PRO B 156 8.74 12.49 -5.50
C PRO B 156 9.34 11.31 -4.73
N GLU B 157 8.56 10.27 -4.49
CA GLU B 157 9.14 9.03 -3.99
C GLU B 157 10.09 8.45 -5.04
N PRO B 158 11.04 7.57 -4.62
CA PRO B 158 11.29 7.08 -3.26
C PRO B 158 12.53 7.66 -2.62
N VAL B 159 12.69 7.46 -1.31
CA VAL B 159 14.00 7.57 -0.66
C VAL B 159 14.40 6.20 -0.16
N THR B 160 15.70 6.02 0.05
CA THR B 160 16.21 4.85 0.75
C THR B 160 17.00 5.30 1.96
N VAL B 161 16.97 4.48 3.02
CA VAL B 161 17.68 4.79 4.26
C VAL B 161 18.47 3.56 4.66
N SER B 162 19.74 3.75 4.96
CA SER B 162 20.51 2.70 5.62
C SER B 162 21.07 3.26 6.92
N TRP B 163 21.63 2.38 7.76
CA TRP B 163 22.23 2.80 9.02
C TRP B 163 23.69 2.40 9.04
N ASN B 164 24.56 3.37 9.34
CA ASN B 164 26.00 3.13 9.43
C ASN B 164 26.52 2.41 8.19
N SER B 165 26.10 2.92 7.04
CA SER B 165 26.53 2.41 5.73
C SER B 165 26.21 0.93 5.57
N GLY B 166 25.07 0.51 6.12
CA GLY B 166 24.65 -0.87 6.01
C GLY B 166 25.22 -1.81 7.06
N ALA B 167 26.14 -1.33 7.90
CA ALA B 167 26.66 -2.18 8.97
C ALA B 167 25.60 -2.50 10.00
N LEU B 168 24.59 -1.64 10.15
CA LEU B 168 23.56 -1.81 11.18
C LEU B 168 22.25 -2.13 10.48
N THR B 169 21.77 -3.37 10.66
CA THR B 169 20.52 -3.79 10.05
C THR B 169 19.55 -4.38 11.08
N SER B 170 20.09 -5.03 12.12
CA SER B 170 19.25 -5.61 13.16
C SER B 170 18.45 -4.51 13.86
N GLY B 171 17.13 -4.72 13.97
CA GLY B 171 16.28 -3.81 14.72
C GLY B 171 15.89 -2.55 13.98
N VAL B 172 16.21 -2.44 12.70
CA VAL B 172 15.82 -1.27 11.91
C VAL B 172 14.37 -1.42 11.47
N HIS B 173 13.62 -0.32 11.56
CA HIS B 173 12.31 -0.22 10.93
C HIS B 173 12.28 1.05 10.11
N THR B 174 12.19 0.93 8.79
CA THR B 174 12.01 2.09 7.92
C THR B 174 10.56 2.05 7.45
N PHE B 175 9.82 3.12 7.75
CA PHE B 175 8.37 3.13 7.58
C PHE B 175 7.98 3.63 6.22
N PRO B 176 6.77 3.27 5.78
CA PRO B 176 6.24 3.89 4.56
C PRO B 176 6.15 5.39 4.75
N ALA B 177 6.44 6.13 3.68
CA ALA B 177 6.29 7.57 3.74
C ALA B 177 4.81 7.93 3.78
N VAL B 178 4.55 9.13 4.31
CA VAL B 178 3.22 9.73 4.26
C VAL B 178 3.30 10.96 3.37
N LEU B 179 2.20 11.24 2.69
CA LEU B 179 2.12 12.44 1.87
C LEU B 179 1.49 13.56 2.70
N GLN B 180 2.25 14.63 2.95
CA GLN B 180 1.73 15.73 3.74
C GLN B 180 0.83 16.64 2.91
N SER B 181 0.09 17.51 3.60
CA SER B 181 -0.82 18.42 2.91
CA SER B 181 -0.83 18.42 2.91
C SER B 181 -0.07 19.36 1.98
N SER B 182 1.21 19.60 2.25
CA SER B 182 2.08 20.38 1.37
C SER B 182 2.35 19.68 0.05
N GLY B 183 1.98 18.40 -0.12
CA GLY B 183 2.38 17.65 -1.30
C GLY B 183 3.77 17.08 -1.25
N LEU B 184 4.47 17.23 -0.14
CA LEU B 184 5.77 16.61 0.05
C LEU B 184 5.65 15.42 1.00
N TYR B 185 6.52 14.46 0.79
CA TYR B 185 6.54 13.21 1.54
C TYR B 185 7.37 13.39 2.80
N SER B 186 7.08 12.55 3.80
CA SER B 186 7.84 12.52 5.05
CA SER B 186 7.82 12.51 5.05
C SER B 186 7.91 11.07 5.51
N LEU B 187 9.10 10.64 5.91
CA LEU B 187 9.30 9.24 6.23
C LEU B 187 10.18 9.14 7.46
N SER B 188 9.97 8.12 8.29
CA SER B 188 10.89 7.91 9.40
C SER B 188 11.58 6.57 9.31
N SER B 189 12.79 6.52 9.86
CA SER B 189 13.54 5.28 10.00
C SER B 189 14.06 5.23 11.42
N VAL B 190 13.83 4.13 12.13
CA VAL B 190 14.25 4.01 13.52
C VAL B 190 15.05 2.72 13.69
N VAL B 191 15.82 2.67 14.77
CA VAL B 191 16.57 1.46 15.11
C VAL B 191 16.64 1.41 16.62
N THR B 192 16.55 0.21 17.19
CA THR B 192 16.75 0.05 18.62
C THR B 192 18.14 -0.52 18.86
N VAL B 193 18.86 0.03 19.82
CA VAL B 193 20.24 -0.37 20.11
C VAL B 193 20.40 -0.49 21.62
N PRO B 194 21.48 -1.12 22.09
CA PRO B 194 21.75 -1.12 23.53
C PRO B 194 21.98 0.28 24.07
N SER B 195 21.28 0.59 25.16
CA SER B 195 21.47 1.90 25.81
CA SER B 195 21.47 1.90 25.79
C SER B 195 22.93 2.13 26.18
N SER B 196 23.66 1.07 26.54
CA SER B 196 25.06 1.20 26.91
C SER B 196 25.94 1.61 25.73
N SER B 197 25.45 1.47 24.50
CA SER B 197 26.26 1.78 23.33
C SER B 197 26.25 3.26 23.00
N LEU B 198 25.33 4.02 23.59
CA LEU B 198 25.10 5.39 23.13
C LEU B 198 26.28 6.29 23.44
N GLY B 199 27.03 5.99 24.50
CA GLY B 199 28.17 6.81 24.86
C GLY B 199 29.41 6.60 24.00
N THR B 200 29.50 5.49 23.27
CA THR B 200 30.72 5.19 22.52
C THR B 200 30.51 5.01 21.02
N GLN B 201 29.31 4.67 20.59
CA GLN B 201 29.04 4.33 19.20
C GLN B 201 28.37 5.49 18.50
N THR B 202 28.79 5.74 17.27
CA THR B 202 28.19 6.76 16.44
C THR B 202 27.10 6.12 15.59
N TYR B 203 25.92 6.74 15.55
CA TYR B 203 24.82 6.25 14.74
C TYR B 203 24.55 7.28 13.64
N ILE B 204 24.62 6.84 12.39
CA ILE B 204 24.42 7.70 11.24
C ILE B 204 23.38 7.07 10.32
N CYS B 205 22.38 7.84 9.92
CA CYS B 205 21.47 7.35 8.89
CA CYS B 205 21.46 7.37 8.89
C CYS B 205 21.93 7.90 7.55
N ASN B 206 22.00 7.01 6.56
CA ASN B 206 22.42 7.38 5.21
C ASN B 206 21.16 7.47 4.37
N VAL B 207 20.85 8.66 3.89
CA VAL B 207 19.60 8.90 3.18
C VAL B 207 19.91 9.19 1.72
N ASN B 208 19.24 8.49 0.82
CA ASN B 208 19.42 8.68 -0.61
C ASN B 208 18.08 9.06 -1.22
N HIS B 209 18.04 10.17 -1.95
CA HIS B 209 16.85 10.57 -2.70
C HIS B 209 17.32 10.75 -4.12
N LYS B 210 17.29 9.67 -4.90
CA LYS B 210 17.88 9.72 -6.23
C LYS B 210 17.20 10.71 -7.16
N PRO B 211 15.88 10.93 -7.12
CA PRO B 211 15.30 11.94 -8.04
C PRO B 211 15.93 13.30 -7.92
N SER B 212 16.42 13.69 -6.74
CA SER B 212 17.06 15.00 -6.58
C SER B 212 18.58 14.93 -6.40
N ASN B 213 19.18 13.73 -6.52
CA ASN B 213 20.58 13.49 -6.19
C ASN B 213 20.99 14.02 -4.82
N THR B 214 20.12 13.81 -3.86
CA THR B 214 20.42 14.14 -2.48
C THR B 214 21.03 12.90 -1.83
N LYS B 215 22.19 13.07 -1.20
CA LYS B 215 22.75 12.08 -0.28
C LYS B 215 23.08 12.80 1.01
N VAL B 216 22.45 12.38 2.10
CA VAL B 216 22.70 12.96 3.42
C VAL B 216 23.07 11.86 4.40
N ASP B 217 24.13 12.09 5.16
CA ASP B 217 24.57 11.19 6.23
C ASP B 217 24.42 11.93 7.55
N LYS B 218 23.33 11.67 8.26
CA LYS B 218 22.99 12.45 9.45
C LYS B 218 23.40 11.69 10.71
N ARG B 219 24.32 12.27 11.47
CA ARG B 219 24.67 11.71 12.76
C ARG B 219 23.58 11.99 13.78
N VAL B 220 23.17 10.96 14.52
CA VAL B 220 22.07 11.06 15.46
C VAL B 220 22.67 11.05 16.86
N GLU B 221 22.71 12.21 17.51
CA GLU B 221 23.32 12.38 18.82
C GLU B 221 22.31 12.16 19.94
N PRO B 222 22.76 11.64 21.07
CA PRO B 222 21.86 11.45 22.20
C PRO B 222 21.51 12.77 22.87
N LYS B 223 20.38 12.75 23.58
CA LYS B 223 19.97 13.83 24.45
C LYS B 223 20.10 13.43 25.92
N SER B 224 20.25 14.42 26.79
CA SER B 224 20.47 14.16 28.21
C SER B 224 19.16 14.11 29.01
N CYS B 225 18.05 14.53 28.41
CA CYS B 225 16.76 14.52 29.10
C CYS B 225 16.21 13.11 29.22
N ASP C 1 -24.49 -0.95 -10.37
CA ASP C 1 -23.54 -2.03 -10.61
C ASP C 1 -23.65 -3.02 -9.48
N ILE C 2 -22.90 -4.11 -9.59
CA ILE C 2 -22.97 -5.21 -8.64
C ILE C 2 -21.94 -5.00 -7.55
N GLN C 3 -22.39 -4.98 -6.30
CA GLN C 3 -21.49 -4.85 -5.17
CA GLN C 3 -21.51 -4.85 -5.16
C GLN C 3 -21.06 -6.23 -4.69
N LEU C 4 -19.77 -6.39 -4.44
CA LEU C 4 -19.24 -7.61 -3.86
C LEU C 4 -18.76 -7.26 -2.47
N THR C 5 -19.22 -8.01 -1.49
CA THR C 5 -18.83 -7.87 -0.09
CA THR C 5 -18.77 -7.84 -0.12
C THR C 5 -18.01 -9.08 0.30
N GLN C 6 -16.96 -8.88 1.08
CA GLN C 6 -16.14 -9.98 1.53
C GLN C 6 -16.12 -10.04 3.05
N SER C 7 -15.95 -11.26 3.57
CA SER C 7 -15.95 -11.44 4.99
C SER C 7 -14.98 -12.57 5.33
N PRO C 8 -14.13 -12.40 6.35
CA PRO C 8 -13.90 -11.18 7.13
C PRO C 8 -13.09 -10.18 6.32
N SER C 9 -12.88 -8.95 6.84
CA SER C 9 -12.02 -8.01 6.14
C SER C 9 -10.56 -8.35 6.36
N SER C 10 -10.27 -9.03 7.47
CA SER C 10 -8.90 -9.49 7.72
C SER C 10 -8.97 -10.66 8.70
N LEU C 11 -7.93 -11.49 8.64
CA LEU C 11 -7.87 -12.60 9.57
C LEU C 11 -6.43 -13.01 9.75
N SER C 12 -6.13 -13.62 10.91
CA SER C 12 -4.82 -14.17 11.17
C SER C 12 -4.88 -15.69 11.22
N ALA C 13 -3.85 -16.32 10.70
CA ALA C 13 -3.84 -17.77 10.61
C ALA C 13 -2.41 -18.27 10.72
N SER C 14 -2.28 -19.59 10.86
CA SER C 14 -1.00 -20.27 10.96
C SER C 14 -0.84 -21.24 9.80
N ILE C 15 0.43 -21.56 9.50
CA ILE C 15 0.74 -22.59 8.50
CA ILE C 15 0.72 -22.57 8.49
C ILE C 15 -0.02 -23.85 8.84
N GLY C 16 -0.70 -24.42 7.85
CA GLY C 16 -1.44 -25.66 8.04
C GLY C 16 -2.91 -25.46 8.39
N ASP C 17 -3.33 -24.25 8.69
CA ASP C 17 -4.73 -23.97 8.98
C ASP C 17 -5.59 -24.09 7.73
N ARG C 18 -6.87 -24.36 7.96
CA ARG C 18 -7.90 -24.25 6.94
C ARG C 18 -8.54 -22.88 7.12
N VAL C 19 -8.54 -22.07 6.05
CA VAL C 19 -9.04 -20.71 6.07
C VAL C 19 -10.18 -20.60 5.07
N THR C 20 -11.26 -19.93 5.48
CA THR C 20 -12.41 -19.69 4.61
CA THR C 20 -12.37 -19.68 4.56
C THR C 20 -12.66 -18.19 4.52
N ILE C 21 -12.88 -17.69 3.31
CA ILE C 21 -13.19 -16.30 3.03
C ILE C 21 -14.43 -16.29 2.15
N THR C 22 -15.41 -15.45 2.48
CA THR C 22 -16.62 -15.45 1.68
C THR C 22 -16.75 -14.17 0.87
N CYS C 23 -17.48 -14.30 -0.22
CA CYS C 23 -17.82 -13.17 -1.09
C CYS C 23 -19.32 -13.25 -1.33
N ARG C 24 -20.03 -12.12 -1.20
CA ARG C 24 -21.46 -12.07 -1.45
CA ARG C 24 -21.46 -12.09 -1.46
C ARG C 24 -21.73 -11.03 -2.51
N ALA C 25 -22.50 -11.39 -3.52
CA ALA C 25 -22.84 -10.47 -4.59
C ALA C 25 -24.22 -9.89 -4.34
N SER C 26 -24.40 -8.61 -4.70
CA SER C 26 -25.68 -7.95 -4.53
C SER C 26 -26.72 -8.38 -5.57
N GLN C 27 -26.30 -9.14 -6.59
CA GLN C 27 -27.19 -9.69 -7.59
C GLN C 27 -26.70 -11.10 -7.93
N ASP C 28 -27.60 -11.93 -8.43
CA ASP C 28 -27.20 -13.26 -8.90
C ASP C 28 -26.20 -13.12 -10.04
N ILE C 29 -25.02 -13.72 -9.88
CA ILE C 29 -23.98 -13.67 -10.91
C ILE C 29 -23.66 -15.07 -11.44
N ALA C 30 -24.56 -16.02 -11.24
CA ALA C 30 -24.40 -17.41 -11.72
C ALA C 30 -23.07 -17.94 -11.20
N ASN C 31 -22.18 -18.46 -12.04
CA ASN C 31 -20.87 -18.89 -11.60
C ASN C 31 -19.77 -17.95 -12.08
N LYS C 32 -20.11 -16.72 -12.48
CA LYS C 32 -19.10 -15.85 -13.11
C LYS C 32 -18.32 -15.06 -12.04
N LEU C 33 -17.59 -15.81 -11.20
CA LEU C 33 -16.95 -15.27 -10.01
C LEU C 33 -15.50 -15.75 -9.97
N ALA C 34 -14.56 -14.83 -9.81
CA ALA C 34 -13.15 -15.14 -9.77
C ALA C 34 -12.56 -14.72 -8.42
N TRP C 35 -11.45 -15.37 -8.05
CA TRP C 35 -10.68 -15.00 -6.88
C TRP C 35 -9.24 -14.66 -7.27
N PHE C 36 -8.74 -13.58 -6.70
CA PHE C 36 -7.38 -13.11 -6.93
C PHE C 36 -6.60 -13.08 -5.63
N GLN C 37 -5.30 -13.32 -5.75
CA GLN C 37 -4.35 -13.12 -4.66
C GLN C 37 -3.43 -11.95 -4.98
N GLN C 38 -3.11 -11.14 -3.99
CA GLN C 38 -2.14 -10.08 -4.23
C GLN C 38 -1.17 -9.97 -3.06
N ALA C 39 0.13 -9.99 -3.39
CA ALA C 39 1.18 -9.69 -2.44
C ALA C 39 1.62 -8.23 -2.60
N PRO C 40 2.17 -7.61 -1.55
CA PRO C 40 2.56 -6.20 -1.63
C PRO C 40 3.49 -5.91 -2.82
N GLY C 41 3.18 -4.83 -3.53
CA GLY C 41 3.97 -4.37 -4.66
C GLY C 41 3.95 -5.24 -5.89
N LYS C 42 3.04 -6.23 -5.97
CA LYS C 42 2.96 -7.12 -7.13
C LYS C 42 1.58 -7.05 -7.74
N ALA C 43 1.49 -7.29 -9.05
CA ALA C 43 0.20 -7.44 -9.68
C ALA C 43 -0.57 -8.59 -9.05
N PRO C 44 -1.90 -8.54 -9.05
CA PRO C 44 -2.67 -9.68 -8.55
C PRO C 44 -2.53 -10.89 -9.46
N LYS C 45 -2.76 -12.06 -8.86
CA LYS C 45 -2.70 -13.35 -9.53
C LYS C 45 -4.08 -14.02 -9.53
N SER C 46 -4.52 -14.45 -10.70
CA SER C 46 -5.79 -15.18 -10.83
C SER C 46 -5.68 -16.56 -10.20
N LEU C 47 -6.52 -16.84 -9.21
CA LEU C 47 -6.47 -18.15 -8.57
C LEU C 47 -7.57 -19.07 -9.08
N ILE C 48 -8.78 -18.52 -9.19
CA ILE C 48 -10.02 -19.27 -9.36
CA ILE C 48 -9.97 -19.30 -9.44
C ILE C 48 -10.86 -18.49 -10.37
N TYR C 49 -11.57 -19.21 -11.24
CA TYR C 49 -12.57 -18.57 -12.09
C TYR C 49 -13.74 -19.51 -12.19
N ALA C 50 -14.84 -19.01 -12.78
CA ALA C 50 -16.08 -19.79 -12.91
C ALA C 50 -16.49 -20.40 -11.56
N ALA C 51 -16.22 -19.64 -10.48
CA ALA C 51 -16.52 -19.92 -9.08
C ALA C 51 -15.69 -21.06 -8.51
N SER C 52 -15.45 -22.12 -9.29
CA SER C 52 -14.79 -23.28 -8.72
C SER C 52 -13.65 -23.86 -9.55
N ARG C 53 -13.24 -23.22 -10.64
CA ARG C 53 -12.20 -23.77 -11.49
C ARG C 53 -10.85 -23.20 -11.07
N LEU C 54 -9.95 -24.09 -10.68
CA LEU C 54 -8.62 -23.67 -10.28
C LEU C 54 -7.81 -23.29 -11.52
N GLN C 55 -7.12 -22.17 -11.46
CA GLN C 55 -6.29 -21.73 -12.57
C GLN C 55 -5.01 -22.53 -12.68
N SER C 56 -4.47 -22.58 -13.90
CA SER C 56 -3.21 -23.26 -14.13
CA SER C 56 -3.22 -23.27 -14.11
C SER C 56 -2.12 -22.59 -13.32
N GLY C 57 -1.23 -23.41 -12.76
CA GLY C 57 -0.10 -22.95 -11.99
C GLY C 57 -0.39 -22.63 -10.53
N VAL C 58 -1.64 -22.74 -10.09
CA VAL C 58 -2.04 -22.39 -8.73
C VAL C 58 -2.05 -23.67 -7.89
N PRO C 59 -1.47 -23.67 -6.69
CA PRO C 59 -1.48 -24.89 -5.87
C PRO C 59 -2.89 -25.23 -5.44
N SER C 60 -3.17 -26.53 -5.32
CA SER C 60 -4.55 -26.96 -5.18
C SER C 60 -5.04 -26.97 -3.73
N GLN C 61 -4.29 -26.43 -2.77
CA GLN C 61 -4.97 -26.16 -1.49
C GLN C 61 -6.03 -25.07 -1.63
N PHE C 62 -6.01 -24.31 -2.72
CA PHE C 62 -7.06 -23.34 -3.00
C PHE C 62 -8.22 -24.01 -3.70
N SER C 63 -9.44 -23.71 -3.25
CA SER C 63 -10.62 -24.17 -3.96
CA SER C 63 -10.65 -24.20 -3.89
C SER C 63 -11.73 -23.15 -3.75
N GLY C 64 -12.61 -23.06 -4.74
CA GLY C 64 -13.73 -22.15 -4.67
C GLY C 64 -15.03 -22.91 -4.78
N SER C 65 -16.07 -22.37 -4.14
CA SER C 65 -17.40 -22.96 -4.19
C SER C 65 -18.43 -21.83 -4.26
N GLY C 66 -19.66 -22.21 -4.55
CA GLY C 66 -20.77 -21.28 -4.57
C GLY C 66 -21.32 -21.03 -5.97
N SER C 67 -22.55 -20.53 -6.01
CA SER C 67 -23.23 -20.16 -7.24
C SER C 67 -24.30 -19.14 -6.88
N GLY C 68 -24.56 -18.22 -7.80
CA GLY C 68 -25.62 -17.26 -7.54
C GLY C 68 -25.14 -16.02 -6.82
N THR C 69 -25.31 -15.95 -5.48
CA THR C 69 -24.87 -14.78 -4.72
C THR C 69 -23.85 -15.06 -3.64
N ASP C 70 -23.68 -16.29 -3.16
CA ASP C 70 -22.79 -16.56 -2.03
C ASP C 70 -21.65 -17.47 -2.48
N PHE C 71 -20.41 -17.03 -2.25
CA PHE C 71 -19.23 -17.74 -2.73
C PHE C 71 -18.21 -17.87 -1.61
N THR C 72 -17.42 -18.94 -1.65
CA THR C 72 -16.40 -19.16 -0.63
C THR C 72 -15.09 -19.54 -1.30
N LEU C 73 -14.00 -18.92 -0.82
CA LEU C 73 -12.65 -19.37 -1.13
C LEU C 73 -12.17 -20.16 0.08
N THR C 74 -11.75 -21.39 -0.13
CA THR C 74 -11.19 -22.19 0.95
C THR C 74 -9.71 -22.42 0.69
N ILE C 75 -8.88 -22.20 1.70
CA ILE C 75 -7.46 -22.52 1.64
C ILE C 75 -7.27 -23.69 2.60
N GLU C 76 -7.11 -24.90 2.04
CA GLU C 76 -7.28 -26.11 2.86
C GLU C 76 -6.15 -26.29 3.85
N SER C 77 -4.94 -25.93 3.46
CA SER C 77 -3.77 -26.08 4.31
CA SER C 77 -3.77 -26.08 4.31
CA SER C 77 -3.77 -26.09 4.30
C SER C 77 -2.86 -24.91 4.00
N LEU C 78 -2.95 -23.87 4.81
CA LEU C 78 -2.28 -22.62 4.54
C LEU C 78 -0.76 -22.78 4.53
N GLN C 79 -0.12 -22.18 3.52
CA GLN C 79 1.32 -22.27 3.36
C GLN C 79 1.89 -20.85 3.31
N ALA C 80 3.24 -20.76 3.29
CA ALA C 80 3.88 -19.47 3.54
C ALA C 80 3.54 -18.41 2.49
N GLY C 81 3.43 -18.81 1.22
CA GLY C 81 3.07 -17.84 0.21
C GLY C 81 1.63 -17.38 0.26
N ASP C 82 0.79 -18.01 1.08
CA ASP C 82 -0.63 -17.69 1.08
C ASP C 82 -0.98 -16.54 2.03
N PHE C 83 -0.02 -16.02 2.79
CA PHE C 83 -0.25 -14.81 3.56
C PHE C 83 -0.21 -13.65 2.56
N ALA C 84 -1.39 -13.08 2.29
CA ALA C 84 -1.60 -12.20 1.15
C ALA C 84 -2.99 -11.58 1.29
N THR C 85 -3.36 -10.75 0.32
CA THR C 85 -4.71 -10.19 0.26
C THR C 85 -5.47 -10.87 -0.88
N TYR C 86 -6.76 -11.17 -0.63
CA TYR C 86 -7.58 -11.92 -1.56
C TYR C 86 -8.77 -11.07 -1.95
N PHE C 87 -9.05 -11.02 -3.25
CA PHE C 87 -10.16 -10.26 -3.84
C PHE C 87 -11.04 -11.18 -4.64
N CYS C 88 -12.37 -11.04 -4.47
CA CYS C 88 -13.25 -11.67 -5.45
C CYS C 88 -13.61 -10.67 -6.55
N GLN C 89 -14.11 -11.20 -7.67
CA GLN C 89 -14.36 -10.34 -8.84
C GLN C 89 -15.41 -10.99 -9.72
N GLN C 90 -16.43 -10.22 -10.15
CA GLN C 90 -17.50 -10.82 -10.94
C GLN C 90 -17.37 -10.36 -12.39
N TYR C 91 -17.73 -11.27 -13.30
CA TYR C 91 -17.75 -10.94 -14.71
C TYR C 91 -19.07 -11.43 -15.31
N ASP C 92 -20.12 -11.43 -14.49
CA ASP C 92 -21.48 -11.72 -14.97
C ASP C 92 -22.01 -10.61 -15.86
N SER C 93 -21.70 -9.37 -15.52
CA SER C 93 -22.20 -8.27 -16.33
C SER C 93 -21.32 -7.04 -16.16
N PHE C 94 -21.40 -6.13 -17.14
CA PHE C 94 -20.68 -4.87 -17.06
C PHE C 94 -21.42 -3.91 -16.15
N PRO C 95 -20.72 -3.04 -15.41
CA PRO C 95 -19.24 -3.02 -15.35
C PRO C 95 -18.70 -4.15 -14.49
N PHE C 96 -17.54 -4.70 -14.83
CA PHE C 96 -16.95 -5.69 -13.94
C PHE C 96 -16.58 -5.01 -12.62
N THR C 97 -16.65 -5.76 -11.52
CA THR C 97 -16.43 -5.19 -10.19
C THR C 97 -15.66 -6.17 -9.33
N PHE C 98 -14.92 -5.60 -8.37
CA PHE C 98 -14.12 -6.34 -7.41
C PHE C 98 -14.70 -6.15 -6.01
N GLY C 99 -14.53 -7.16 -5.17
CA GLY C 99 -14.73 -7.01 -3.75
C GLY C 99 -13.59 -6.22 -3.12
N PRO C 100 -13.73 -5.86 -1.83
CA PRO C 100 -12.80 -4.91 -1.22
C PRO C 100 -11.50 -5.56 -0.76
N GLY C 101 -11.41 -6.88 -0.77
CA GLY C 101 -10.20 -7.51 -0.29
C GLY C 101 -10.26 -8.04 1.13
N THR C 102 -9.56 -9.16 1.38
CA THR C 102 -9.45 -9.77 2.71
C THR C 102 -7.98 -10.08 2.93
N LYS C 103 -7.38 -9.50 3.97
CA LYS C 103 -5.96 -9.72 4.23
C LYS C 103 -5.79 -10.84 5.24
N VAL C 104 -4.93 -11.80 4.91
CA VAL C 104 -4.57 -12.93 5.77
C VAL C 104 -3.14 -12.69 6.24
N ASP C 105 -2.98 -12.48 7.55
CA ASP C 105 -1.63 -12.32 8.10
C ASP C 105 -1.34 -13.46 9.06
N VAL C 106 -0.11 -13.44 9.58
CA VAL C 106 0.38 -14.55 10.40
C VAL C 106 -0.05 -14.37 11.85
N LYS C 107 -0.64 -15.42 12.41
CA LYS C 107 -1.06 -15.41 13.81
C LYS C 107 0.13 -15.55 14.76
N ARG C 108 0.12 -14.78 15.84
CA ARG C 108 1.07 -14.99 16.93
C ARG C 108 0.41 -14.51 18.22
N THR C 109 1.09 -14.72 19.35
CA THR C 109 0.57 -14.25 20.63
C THR C 109 0.51 -12.72 20.66
N VAL C 110 -0.45 -12.20 21.43
CA VAL C 110 -0.54 -10.75 21.59
C VAL C 110 0.78 -10.21 22.14
N ALA C 111 1.25 -9.10 21.56
CA ALA C 111 2.45 -8.42 22.05
C ALA C 111 2.14 -6.94 22.14
N ALA C 112 2.28 -6.38 23.34
CA ALA C 112 2.06 -4.95 23.52
C ALA C 112 3.19 -4.16 22.85
N PRO C 113 2.91 -2.99 22.30
CA PRO C 113 3.99 -2.16 21.74
C PRO C 113 4.88 -1.58 22.83
N SER C 114 6.15 -1.42 22.50
CA SER C 114 7.04 -0.53 23.23
CA SER C 114 7.01 -0.52 23.25
C SER C 114 6.88 0.86 22.64
N VAL C 115 6.58 1.85 23.48
CA VAL C 115 6.21 3.20 23.04
C VAL C 115 7.34 4.16 23.37
N PHE C 116 7.70 4.96 22.38
CA PHE C 116 8.80 5.93 22.49
C PHE C 116 8.36 7.24 21.85
N ILE C 117 8.86 8.35 22.40
CA ILE C 117 8.53 9.66 21.85
C ILE C 117 9.83 10.43 21.61
N PHE C 118 9.82 11.22 20.54
CA PHE C 118 10.98 12.00 20.11
C PHE C 118 10.60 13.47 19.97
N PRO C 119 11.24 14.38 20.69
CA PRO C 119 10.97 15.79 20.49
C PRO C 119 11.54 16.26 19.16
N PRO C 120 11.14 17.44 18.70
CA PRO C 120 11.75 17.98 17.48
C PRO C 120 13.20 18.35 17.71
N SER C 121 13.98 18.26 16.63
CA SER C 121 15.39 18.60 16.69
C SER C 121 15.59 20.11 16.64
N ASP C 122 16.72 20.57 17.22
CA ASP C 122 17.03 21.99 17.13
C ASP C 122 17.15 22.42 15.66
N GLU C 123 17.68 21.54 14.80
CA GLU C 123 17.82 21.87 13.39
CA GLU C 123 17.82 21.87 13.39
C GLU C 123 16.46 22.17 12.76
N GLN C 124 15.47 21.32 13.02
CA GLN C 124 14.17 21.57 12.42
C GLN C 124 13.53 22.82 13.01
N LEU C 125 13.64 23.01 14.33
CA LEU C 125 13.08 24.20 14.96
C LEU C 125 13.65 25.47 14.35
N LYS C 126 14.95 25.47 14.04
CA LYS C 126 15.53 26.67 13.45
C LYS C 126 14.88 26.99 12.10
N SER C 127 14.29 26.00 11.43
CA SER C 127 13.64 26.20 10.14
C SER C 127 12.16 26.57 10.26
N GLY C 128 11.61 26.66 11.47
CA GLY C 128 10.26 27.15 11.66
C GLY C 128 9.18 26.10 11.80
N THR C 129 9.55 24.84 12.01
CA THR C 129 8.56 23.78 12.12
C THR C 129 8.97 22.86 13.27
N ALA C 130 7.98 22.24 13.90
CA ALA C 130 8.24 21.24 14.94
C ALA C 130 7.50 19.96 14.58
N SER C 131 8.24 18.87 14.38
CA SER C 131 7.62 17.55 14.23
C SER C 131 7.96 16.73 15.46
N VAL C 132 6.94 16.11 16.04
CA VAL C 132 7.10 15.21 17.18
C VAL C 132 6.72 13.82 16.70
N VAL C 133 7.53 12.83 17.04
CA VAL C 133 7.35 11.48 16.50
C VAL C 133 7.09 10.52 17.65
N CYS C 134 6.07 9.67 17.47
CA CYS C 134 5.73 8.62 18.42
CA CYS C 134 5.73 8.62 18.42
C CYS C 134 5.96 7.27 17.73
N LEU C 135 6.70 6.39 18.39
CA LEU C 135 7.05 5.09 17.80
C LEU C 135 6.41 4.02 18.65
N LEU C 136 5.66 3.12 17.99
CA LEU C 136 5.08 1.93 18.61
C LEU C 136 5.79 0.73 18.01
N ASN C 137 6.62 0.06 18.80
CA ASN C 137 7.56 -0.92 18.26
C ASN C 137 7.13 -2.34 18.59
N ASN C 138 7.05 -3.17 17.54
CA ASN C 138 6.99 -4.65 17.63
C ASN C 138 5.79 -5.14 18.44
N PHE C 139 4.60 -4.87 17.91
CA PHE C 139 3.35 -5.24 18.55
C PHE C 139 2.52 -6.16 17.67
N TYR C 140 1.52 -6.80 18.29
CA TYR C 140 0.64 -7.71 17.60
C TYR C 140 -0.62 -7.84 18.43
N PRO C 141 -1.82 -7.77 17.84
CA PRO C 141 -2.13 -7.66 16.41
C PRO C 141 -1.92 -6.24 15.86
N ARG C 142 -2.23 -6.06 14.57
CA ARG C 142 -1.90 -4.80 13.90
C ARG C 142 -2.72 -3.61 14.42
N GLU C 143 -3.92 -3.87 14.94
CA GLU C 143 -4.81 -2.77 15.30
C GLU C 143 -4.28 -2.02 16.51
N ALA C 144 -4.19 -0.70 16.40
CA ALA C 144 -3.56 0.14 17.41
C ALA C 144 -4.09 1.54 17.24
N LYS C 145 -4.20 2.27 18.34
CA LYS C 145 -4.72 3.63 18.32
C LYS C 145 -3.70 4.57 18.93
N VAL C 146 -3.34 5.61 18.19
CA VAL C 146 -2.47 6.68 18.68
C VAL C 146 -3.32 7.94 18.84
N GLN C 147 -3.22 8.60 19.98
CA GLN C 147 -3.82 9.91 20.19
C GLN C 147 -2.74 10.90 20.62
N TRP C 148 -2.70 12.06 19.99
CA TRP C 148 -1.76 13.12 20.35
C TRP C 148 -2.47 14.13 21.24
N LYS C 149 -1.83 14.51 22.34
CA LYS C 149 -2.39 15.51 23.23
C LYS C 149 -1.34 16.56 23.52
N VAL C 150 -1.72 17.82 23.40
CA VAL C 150 -0.82 18.94 23.63
C VAL C 150 -1.44 19.74 24.76
N ASP C 151 -0.78 19.73 25.92
CA ASP C 151 -1.36 20.27 27.16
C ASP C 151 -2.78 19.75 27.35
N ASN C 152 -2.96 18.44 27.15
CA ASN C 152 -4.21 17.71 27.34
C ASN C 152 -5.28 18.04 26.28
N ALA C 153 -4.94 18.83 25.26
CA ALA C 153 -5.86 19.05 24.14
C ALA C 153 -5.62 17.99 23.07
N LEU C 154 -6.67 17.23 22.75
CA LEU C 154 -6.56 16.24 21.68
C LEU C 154 -6.30 16.94 20.35
N GLN C 155 -5.35 16.41 19.58
CA GLN C 155 -4.95 16.98 18.32
C GLN C 155 -5.71 16.30 17.17
N SER C 156 -6.25 17.11 16.26
CA SER C 156 -6.93 16.59 15.07
C SER C 156 -6.36 17.27 13.83
N GLY C 157 -6.11 16.48 12.79
CA GLY C 157 -5.79 17.01 11.48
C GLY C 157 -4.35 17.41 11.28
N ASN C 158 -3.49 17.21 12.27
CA ASN C 158 -2.10 17.63 12.19
C ASN C 158 -1.14 16.48 12.48
N SER C 159 -1.62 15.25 12.36
CA SER C 159 -0.75 14.09 12.51
C SER C 159 -1.05 13.08 11.41
N GLN C 160 -0.03 12.26 11.10
CA GLN C 160 -0.10 11.19 10.12
C GLN C 160 0.67 9.99 10.64
N GLU C 161 0.27 8.79 10.24
CA GLU C 161 0.96 7.61 10.70
C GLU C 161 1.11 6.61 9.56
N SER C 162 2.07 5.70 9.71
CA SER C 162 2.15 4.56 8.81
C SER C 162 2.67 3.38 9.60
N VAL C 163 2.49 2.18 9.03
CA VAL C 163 2.79 0.92 9.70
C VAL C 163 3.65 0.06 8.78
N THR C 164 4.59 -0.68 9.36
CA THR C 164 5.44 -1.55 8.56
C THR C 164 4.66 -2.79 8.15
N GLU C 165 5.16 -3.48 7.12
CA GLU C 165 4.69 -4.84 6.85
C GLU C 165 5.01 -5.78 8.01
N GLN C 166 4.20 -6.82 8.15
CA GLN C 166 4.44 -7.77 9.23
C GLN C 166 5.85 -8.35 9.16
N ASP C 167 6.55 -8.38 10.29
CA ASP C 167 7.94 -8.81 10.30
C ASP C 167 8.05 -10.29 9.96
N SER C 168 8.97 -10.63 9.05
CA SER C 168 9.06 -12.03 8.63
C SER C 168 9.56 -12.93 9.74
N LYS C 169 10.27 -12.40 10.73
CA LYS C 169 10.85 -13.25 11.76
C LYS C 169 10.03 -13.33 13.04
N ASP C 170 9.47 -12.22 13.55
CA ASP C 170 8.73 -12.26 14.79
C ASP C 170 7.24 -11.96 14.62
N SER C 171 6.79 -11.76 13.38
CA SER C 171 5.38 -11.57 13.04
C SER C 171 4.75 -10.34 13.70
N THR C 172 5.56 -9.34 14.09
CA THR C 172 4.99 -8.14 14.67
C THR C 172 4.91 -7.03 13.63
N TYR C 173 4.27 -5.95 14.07
CA TYR C 173 4.12 -4.70 13.35
C TYR C 173 4.78 -3.59 14.16
N SER C 174 5.15 -2.52 13.47
CA SER C 174 5.55 -1.30 14.14
C SER C 174 4.86 -0.13 13.45
N LEU C 175 4.71 0.98 14.18
CA LEU C 175 3.93 2.11 13.68
C LEU C 175 4.65 3.39 14.07
N SER C 176 4.68 4.34 13.16
CA SER C 176 5.29 5.65 13.44
C SER C 176 4.22 6.70 13.21
N SER C 177 4.08 7.64 14.15
CA SER C 177 3.13 8.74 14.01
C SER C 177 3.88 10.05 14.17
N THR C 178 3.64 11.01 13.27
CA THR C 178 4.26 12.33 13.33
C THR C 178 3.19 13.38 13.58
N LEU C 179 3.38 14.18 14.64
CA LEU C 179 2.58 15.37 14.88
C LEU C 179 3.40 16.56 14.39
N THR C 180 2.81 17.40 13.53
CA THR C 180 3.57 18.54 13.00
C THR C 180 2.83 19.84 13.31
N LEU C 181 3.55 20.76 13.94
CA LEU C 181 3.07 22.10 14.25
C LEU C 181 4.06 23.11 13.68
N SER C 182 3.59 24.34 13.47
CA SER C 182 4.54 25.42 13.26
C SER C 182 5.36 25.64 14.52
N LYS C 183 6.55 26.22 14.35
CA LYS C 183 7.35 26.57 15.53
C LYS C 183 6.59 27.54 16.45
N ALA C 184 5.85 28.51 15.85
CA ALA C 184 5.11 29.47 16.67
C ALA C 184 4.06 28.78 17.53
N ASP C 185 3.35 27.79 16.98
CA ASP C 185 2.37 27.06 17.77
C ASP C 185 3.06 26.14 18.77
N TYR C 186 4.13 25.47 18.35
CA TYR C 186 4.87 24.58 19.24
C TYR C 186 5.29 25.30 20.52
N GLU C 187 5.73 26.54 20.40
CA GLU C 187 6.20 27.27 21.56
C GLU C 187 5.07 27.82 22.43
N LYS C 188 3.81 27.67 22.02
CA LYS C 188 2.70 28.11 22.86
C LYS C 188 2.36 27.11 23.96
N HIS C 189 2.90 25.90 23.91
CA HIS C 189 2.45 24.81 24.77
C HIS C 189 3.65 24.12 25.43
N LYS C 190 3.35 23.41 26.53
CA LYS C 190 4.37 22.80 27.37
C LYS C 190 4.46 21.29 27.17
N VAL C 191 3.36 20.57 27.40
CA VAL C 191 3.38 19.11 27.48
C VAL C 191 2.94 18.50 26.16
N TYR C 192 3.79 17.64 25.61
CA TYR C 192 3.54 16.94 24.35
C TYR C 192 3.48 15.46 24.66
N ALA C 193 2.33 14.84 24.38
CA ALA C 193 2.14 13.44 24.78
C ALA C 193 1.54 12.63 23.67
N CYS C 194 1.94 11.37 23.59
CA CYS C 194 1.28 10.43 22.72
CA CYS C 194 1.37 10.37 22.70
C CYS C 194 0.73 9.30 23.57
N GLU C 195 -0.54 8.98 23.31
CA GLU C 195 -1.29 8.02 24.10
C GLU C 195 -1.66 6.84 23.22
N VAL C 196 -1.34 5.64 23.68
CA VAL C 196 -1.42 4.46 22.85
C VAL C 196 -2.40 3.46 23.46
N THR C 197 -3.31 2.96 22.62
CA THR C 197 -4.27 1.94 23.00
C THR C 197 -4.00 0.70 22.16
N HIS C 198 -3.96 -0.46 22.81
CA HIS C 198 -3.64 -1.70 22.12
C HIS C 198 -4.11 -2.86 22.98
N GLN C 199 -4.45 -3.98 22.32
CA GLN C 199 -5.02 -5.11 23.04
C GLN C 199 -4.06 -5.64 24.09
N GLY C 200 -2.77 -5.52 23.86
CA GLY C 200 -1.80 -6.01 24.82
C GLY C 200 -1.56 -5.10 26.01
N LEU C 201 -2.20 -3.94 26.03
CA LEU C 201 -2.09 -2.96 27.11
C LEU C 201 -3.38 -2.94 27.90
N SER C 202 -3.30 -3.23 29.21
CA SER C 202 -4.51 -3.27 30.03
C SER C 202 -5.12 -1.89 30.22
N SER C 203 -4.32 -0.84 30.09
CA SER C 203 -4.70 0.56 30.13
C SER C 203 -3.84 1.30 29.12
N PRO C 204 -4.38 2.35 28.50
CA PRO C 204 -3.56 3.10 27.52
C PRO C 204 -2.28 3.63 28.16
N VAL C 205 -1.21 3.61 27.37
CA VAL C 205 0.11 4.07 27.79
C VAL C 205 0.38 5.45 27.19
N THR C 206 0.88 6.37 28.02
CA THR C 206 1.24 7.71 27.58
C THR C 206 2.73 7.94 27.73
N LYS C 207 3.35 8.45 26.67
CA LYS C 207 4.73 8.91 26.71
CA LYS C 207 4.74 8.91 26.68
C LYS C 207 4.72 10.40 26.43
N SER C 208 5.46 11.17 27.22
CA SER C 208 5.39 12.61 27.05
C SER C 208 6.72 13.28 27.39
N PHE C 209 6.85 14.54 26.96
CA PHE C 209 7.97 15.37 27.36
C PHE C 209 7.47 16.80 27.49
N ASN C 210 8.27 17.62 28.15
CA ASN C 210 8.00 19.05 28.26
C ASN C 210 8.92 19.80 27.31
N ARG C 211 8.34 20.72 26.53
CA ARG C 211 9.15 21.51 25.62
C ARG C 211 10.18 22.27 26.41
N GLY C 212 11.44 22.19 25.98
CA GLY C 212 12.53 22.82 26.69
C GLY C 212 13.20 21.96 27.74
N GLU C 213 12.71 20.74 27.99
CA GLU C 213 13.37 19.79 28.88
C GLU C 213 14.40 18.95 28.12
#